data_2LLR
#
_entry.id   2LLR
#
_entity_poly.entity_id   1
_entity_poly.type   'polypeptide(L)'
_entity_poly.pdbx_seq_one_letter_code
;RGCYTRCWKVGRNGRVCMRVCT
;
_entity_poly.pdbx_strand_id   A
#
# COMPACT_ATOMS: atom_id res chain seq x y z
N ARG A 1 14.93 11.19 -3.51
CA ARG A 1 14.04 11.11 -2.36
C ARG A 1 12.61 11.42 -2.77
N GLY A 2 11.65 11.00 -1.93
CA GLY A 2 10.25 11.25 -2.22
C GLY A 2 9.34 10.18 -1.65
N CYS A 3 8.05 10.30 -1.91
CA CYS A 3 7.08 9.33 -1.41
C CYS A 3 5.98 9.09 -2.45
N TYR A 4 5.30 7.95 -2.32
CA TYR A 4 4.23 7.59 -3.25
C TYR A 4 3.20 6.70 -2.56
N THR A 5 2.00 6.67 -3.12
CA THR A 5 0.92 5.87 -2.57
C THR A 5 0.91 4.48 -3.19
N ARG A 6 0.61 3.47 -2.36
CA ARG A 6 0.57 2.09 -2.82
C ARG A 6 -0.61 1.34 -2.21
N CYS A 7 -1.14 0.37 -2.95
CA CYS A 7 -2.29 -0.41 -2.48
C CYS A 7 -2.27 -1.81 -3.09
N TRP A 8 -2.89 -2.76 -2.40
CA TRP A 8 -2.94 -4.13 -2.86
C TRP A 8 -3.90 -4.96 -2.02
N LYS A 9 -4.56 -5.92 -2.65
CA LYS A 9 -5.51 -6.79 -1.95
C LYS A 9 -4.79 -7.71 -0.98
N VAL A 10 -5.31 -7.79 0.24
CA VAL A 10 -4.70 -8.64 1.27
C VAL A 10 -5.76 -9.52 1.93
N GLY A 11 -5.32 -10.64 2.50
CA GLY A 11 -6.24 -11.54 3.17
C GLY A 11 -7.45 -11.87 2.32
N ARG A 12 -8.54 -12.26 2.97
CA ARG A 12 -9.77 -12.61 2.26
C ARG A 12 -10.96 -11.87 2.87
N ASN A 13 -10.77 -10.60 3.18
CA ASN A 13 -11.83 -9.78 3.76
C ASN A 13 -11.47 -8.29 3.70
N GLY A 14 -11.10 -7.83 2.52
CA GLY A 14 -10.74 -6.43 2.35
C GLY A 14 -9.35 -6.26 1.76
N ARG A 15 -8.89 -5.02 1.70
CA ARG A 15 -7.57 -4.72 1.15
C ARG A 15 -6.76 -3.84 2.11
N VAL A 16 -5.53 -3.53 1.72
CA VAL A 16 -4.66 -2.69 2.55
C VAL A 16 -3.87 -1.71 1.69
N CYS A 17 -3.67 -0.51 2.22
CA CYS A 17 -2.93 0.53 1.51
C CYS A 17 -1.67 0.92 2.27
N MET A 18 -0.56 1.05 1.55
CA MET A 18 0.71 1.42 2.16
C MET A 18 1.33 2.61 1.44
N ARG A 19 2.05 3.44 2.18
CA ARG A 19 2.70 4.62 1.62
C ARG A 19 4.21 4.42 1.54
N VAL A 20 4.68 3.90 0.42
CA VAL A 20 6.11 3.66 0.22
C VAL A 20 6.86 4.97 0.04
N CYS A 21 8.08 5.03 0.58
CA CYS A 21 8.90 6.23 0.49
C CYS A 21 10.30 5.88 -0.03
N THR A 22 10.73 6.57 -1.07
CA THR A 22 12.05 6.33 -1.65
C THR A 22 12.57 7.57 -2.37
N ARG A 1 12.78 8.53 -5.17
CA ARG A 1 12.72 9.30 -3.94
C ARG A 1 11.33 9.87 -3.72
N GLY A 2 11.14 10.58 -2.62
CA GLY A 2 9.85 11.18 -2.31
C GLY A 2 8.93 10.21 -1.60
N CYS A 3 7.70 10.65 -1.33
CA CYS A 3 6.72 9.83 -0.64
C CYS A 3 5.48 9.63 -1.51
N TYR A 4 4.95 8.40 -1.50
CA TYR A 4 3.77 8.08 -2.29
C TYR A 4 3.00 6.91 -1.66
N THR A 5 1.72 6.81 -2.00
CA THR A 5 0.88 5.74 -1.47
C THR A 5 0.82 4.57 -2.44
N ARG A 6 0.88 3.35 -1.89
CA ARG A 6 0.83 2.14 -2.71
C ARG A 6 -0.08 1.09 -2.07
N CYS A 7 -0.75 0.31 -2.91
CA CYS A 7 -1.65 -0.73 -2.43
C CYS A 7 -1.24 -2.09 -2.97
N TRP A 8 -1.89 -3.14 -2.47
CA TRP A 8 -1.59 -4.50 -2.90
C TRP A 8 -2.81 -5.40 -2.74
N LYS A 9 -2.77 -6.57 -3.39
CA LYS A 9 -3.87 -7.52 -3.32
C LYS A 9 -3.82 -8.31 -2.02
N VAL A 10 -4.61 -7.89 -1.04
CA VAL A 10 -4.64 -8.57 0.25
C VAL A 10 -5.53 -9.81 0.19
N GLY A 11 -5.37 -10.70 1.17
CA GLY A 11 -6.15 -11.91 1.20
C GLY A 11 -7.64 -11.65 1.34
N ARG A 12 -8.37 -12.60 1.91
CA ARG A 12 -9.80 -12.46 2.08
C ARG A 12 -10.12 -11.39 3.15
N ASN A 13 -10.04 -10.13 2.75
CA ASN A 13 -10.31 -9.03 3.66
C ASN A 13 -10.27 -7.69 2.93
N GLY A 14 -10.66 -7.71 1.66
CA GLY A 14 -10.65 -6.49 0.86
C GLY A 14 -9.26 -6.01 0.54
N ARG A 15 -9.16 -4.85 -0.08
CA ARG A 15 -7.87 -4.28 -0.45
C ARG A 15 -7.34 -3.37 0.66
N VAL A 16 -6.05 -3.04 0.59
CA VAL A 16 -5.43 -2.18 1.58
C VAL A 16 -4.26 -1.39 0.97
N CYS A 17 -4.09 -0.16 1.42
CA CYS A 17 -3.01 0.69 0.93
C CYS A 17 -2.08 1.10 2.07
N MET A 18 -0.78 0.96 1.84
CA MET A 18 0.22 1.31 2.84
C MET A 18 0.92 2.63 2.47
N ARG A 19 1.28 3.40 3.47
CA ARG A 19 1.95 4.68 3.26
C ARG A 19 3.45 4.47 3.06
N VAL A 20 3.92 4.77 1.85
CA VAL A 20 5.33 4.62 1.52
C VAL A 20 6.02 5.98 1.43
N CYS A 21 6.68 6.38 2.50
CA CYS A 21 7.38 7.67 2.54
C CYS A 21 8.81 7.49 3.03
N THR A 22 9.73 8.24 2.44
CA THR A 22 11.15 8.16 2.81
C THR A 22 11.51 9.29 3.77
N ARG A 1 13.20 13.50 -2.66
CA ARG A 1 12.83 12.19 -2.14
C ARG A 1 11.63 12.29 -1.22
N GLY A 2 10.92 11.17 -1.03
CA GLY A 2 9.76 11.16 -0.16
C GLY A 2 9.02 9.84 -0.20
N CYS A 3 7.92 9.76 0.54
CA CYS A 3 7.13 8.54 0.59
C CYS A 3 5.73 8.76 0.00
N TYR A 4 5.25 7.78 -0.76
CA TYR A 4 3.94 7.88 -1.38
C TYR A 4 3.03 6.75 -0.91
N THR A 5 1.72 6.96 -1.03
CA THR A 5 0.74 5.96 -0.62
C THR A 5 0.47 4.95 -1.73
N ARG A 6 0.55 3.67 -1.40
CA ARG A 6 0.32 2.61 -2.37
C ARG A 6 -0.49 1.47 -1.75
N CYS A 7 -1.28 0.79 -2.58
CA CYS A 7 -2.11 -0.31 -2.11
C CYS A 7 -1.73 -1.61 -2.82
N TRP A 8 -2.33 -2.71 -2.39
CA TRP A 8 -2.06 -4.01 -2.98
C TRP A 8 -3.18 -4.99 -2.69
N LYS A 9 -3.43 -5.90 -3.63
CA LYS A 9 -4.49 -6.90 -3.46
C LYS A 9 -4.21 -7.79 -2.26
N VAL A 10 -5.18 -7.86 -1.35
CA VAL A 10 -5.03 -8.68 -0.15
C VAL A 10 -5.95 -9.90 -0.21
N GLY A 11 -5.68 -10.87 0.65
CA GLY A 11 -6.49 -12.08 0.68
C GLY A 11 -7.94 -11.80 1.02
N ARG A 12 -8.61 -12.81 1.58
CA ARG A 12 -10.02 -12.67 1.94
C ARG A 12 -10.17 -11.72 3.13
N ASN A 13 -10.10 -10.41 2.86
CA ASN A 13 -10.24 -9.41 3.90
C ASN A 13 -10.23 -8.01 3.30
N GLY A 14 -10.76 -7.87 2.09
CA GLY A 14 -10.80 -6.59 1.43
C GLY A 14 -9.43 -6.11 1.01
N ARG A 15 -9.37 -4.88 0.49
CA ARG A 15 -8.10 -4.31 0.05
C ARG A 15 -7.39 -3.60 1.19
N VAL A 16 -6.16 -3.18 0.95
CA VAL A 16 -5.36 -2.49 1.97
C VAL A 16 -4.39 -1.51 1.33
N CYS A 17 -4.17 -0.38 2.00
CA CYS A 17 -3.26 0.64 1.50
C CYS A 17 -2.23 1.01 2.56
N MET A 18 -0.96 1.11 2.14
CA MET A 18 0.11 1.47 3.05
C MET A 18 1.02 2.53 2.44
N ARG A 19 1.59 3.37 3.29
CA ARG A 19 2.47 4.44 2.82
C ARG A 19 3.87 3.90 2.54
N VAL A 20 4.10 3.47 1.31
CA VAL A 20 5.39 2.94 0.90
C VAL A 20 6.38 4.06 0.60
N CYS A 21 7.66 3.78 0.80
CA CYS A 21 8.71 4.76 0.54
C CYS A 21 9.78 4.19 -0.39
N THR A 22 10.18 4.99 -1.37
CA THR A 22 11.19 4.56 -2.33
C THR A 22 10.75 3.31 -3.09
N ARG A 1 11.35 13.62 -4.31
CA ARG A 1 11.55 13.10 -2.96
C ARG A 1 10.21 12.77 -2.30
N GLY A 2 10.27 12.13 -1.13
CA GLY A 2 9.06 11.77 -0.41
C GLY A 2 8.75 10.29 -0.54
N CYS A 3 7.62 9.88 0.05
CA CYS A 3 7.20 8.50 0.01
C CYS A 3 6.05 8.30 -0.97
N TYR A 4 6.08 7.20 -1.71
CA TYR A 4 5.05 6.89 -2.68
C TYR A 4 3.97 5.99 -2.07
N THR A 5 2.78 6.01 -2.67
CA THR A 5 1.67 5.21 -2.18
C THR A 5 1.59 3.88 -2.94
N ARG A 6 1.23 2.82 -2.21
CA ARG A 6 1.11 1.50 -2.82
C ARG A 6 -0.15 0.78 -2.33
N CYS A 7 -0.57 -0.24 -3.07
CA CYS A 7 -1.75 -1.00 -2.71
C CYS A 7 -1.74 -2.38 -3.37
N TRP A 8 -2.52 -3.30 -2.82
CA TRP A 8 -2.60 -4.66 -3.36
C TRP A 8 -3.84 -5.37 -2.86
N LYS A 9 -4.36 -6.29 -3.67
CA LYS A 9 -5.56 -7.04 -3.31
C LYS A 9 -5.25 -8.06 -2.22
N VAL A 10 -6.07 -8.06 -1.17
CA VAL A 10 -5.88 -8.98 -0.06
C VAL A 10 -7.03 -9.98 0.02
N GLY A 11 -6.82 -11.05 0.79
CA GLY A 11 -7.84 -12.06 0.93
C GLY A 11 -9.13 -11.53 1.55
N ARG A 12 -9.84 -12.39 2.27
CA ARG A 12 -11.09 -11.99 2.91
C ARG A 12 -10.81 -11.06 4.09
N ASN A 13 -10.53 -9.79 3.77
CA ASN A 13 -10.24 -8.80 4.80
C ASN A 13 -10.07 -7.42 4.19
N GLY A 14 -10.78 -7.16 3.10
CA GLY A 14 -10.69 -5.87 2.42
C GLY A 14 -9.32 -5.64 1.82
N ARG A 15 -9.12 -4.44 1.27
CA ARG A 15 -7.85 -4.09 0.66
C ARG A 15 -6.97 -3.31 1.64
N VAL A 16 -5.71 -3.08 1.25
CA VAL A 16 -4.77 -2.35 2.10
C VAL A 16 -3.72 -1.63 1.25
N CYS A 17 -3.37 -0.42 1.65
CA CYS A 17 -2.38 0.36 0.94
C CYS A 17 -1.15 0.62 1.81
N MET A 18 0.02 0.30 1.28
CA MET A 18 1.27 0.50 2.02
C MET A 18 1.97 1.78 1.57
N ARG A 19 2.63 2.44 2.50
CA ARG A 19 3.35 3.68 2.20
C ARG A 19 4.85 3.43 2.08
N VAL A 20 5.30 3.12 0.88
CA VAL A 20 6.71 2.87 0.63
C VAL A 20 7.48 4.17 0.44
N CYS A 21 8.73 4.18 0.91
CA CYS A 21 9.57 5.37 0.80
C CYS A 21 10.91 5.02 0.17
N THR A 22 11.60 6.03 -0.35
CA THR A 22 12.90 5.83 -0.98
C THR A 22 14.02 5.80 0.05
N ARG A 1 8.05 -2.07 -2.32
CA ARG A 1 8.27 -0.78 -1.68
C ARG A 1 8.78 0.25 -2.69
N GLY A 2 8.60 1.52 -2.37
CA GLY A 2 9.05 2.58 -3.26
C GLY A 2 8.48 3.94 -2.87
N CYS A 3 8.80 4.95 -3.67
CA CYS A 3 8.32 6.31 -3.41
C CYS A 3 6.90 6.49 -3.93
N TYR A 4 6.34 7.68 -3.73
CA TYR A 4 5.00 7.99 -4.18
C TYR A 4 3.98 7.11 -3.46
N THR A 5 2.73 7.56 -3.45
CA THR A 5 1.65 6.82 -2.80
C THR A 5 1.22 5.63 -3.64
N ARG A 6 1.25 4.44 -3.05
CA ARG A 6 0.86 3.22 -3.75
C ARG A 6 0.02 2.33 -2.85
N CYS A 7 -0.97 1.66 -3.44
CA CYS A 7 -1.84 0.76 -2.69
C CYS A 7 -2.11 -0.52 -3.47
N TRP A 8 -2.08 -1.64 -2.78
CA TRP A 8 -2.32 -2.94 -3.40
C TRP A 8 -3.03 -3.89 -2.45
N LYS A 9 -3.92 -4.71 -2.99
CA LYS A 9 -4.68 -5.66 -2.18
C LYS A 9 -3.84 -6.90 -1.87
N VAL A 10 -3.74 -7.22 -0.59
CA VAL A 10 -2.96 -8.37 -0.14
C VAL A 10 -3.80 -9.32 0.71
N GLY A 11 -3.39 -10.58 0.77
CA GLY A 11 -4.12 -11.55 1.56
C GLY A 11 -5.60 -11.57 1.23
N ARG A 12 -6.41 -12.10 2.14
CA ARG A 12 -7.85 -12.18 1.94
C ARG A 12 -8.59 -11.58 3.13
N ASN A 13 -8.23 -10.35 3.49
CA ASN A 13 -8.86 -9.66 4.61
C ASN A 13 -8.56 -8.17 4.56
N GLY A 14 -8.79 -7.56 3.41
CA GLY A 14 -8.54 -6.13 3.27
C GLY A 14 -7.47 -5.84 2.24
N ARG A 15 -7.07 -4.57 2.13
CA ARG A 15 -6.05 -4.16 1.17
C ARG A 15 -4.96 -3.35 1.87
N VAL A 16 -3.93 -2.98 1.11
CA VAL A 16 -2.83 -2.21 1.64
C VAL A 16 -2.68 -0.87 0.91
N CYS A 17 -2.34 0.17 1.67
CA CYS A 17 -2.16 1.51 1.09
C CYS A 17 -1.04 2.25 1.79
N MET A 18 0.09 2.39 1.11
CA MET A 18 1.25 3.09 1.67
C MET A 18 1.15 4.59 1.40
N ARG A 19 1.67 5.39 2.33
CA ARG A 19 1.64 6.83 2.19
C ARG A 19 2.65 7.31 1.16
N VAL A 20 2.46 8.52 0.64
CA VAL A 20 3.35 9.09 -0.35
C VAL A 20 4.82 8.98 0.10
N CYS A 21 5.54 8.03 -0.49
CA CYS A 21 6.94 7.81 -0.16
C CYS A 21 7.11 7.52 1.33
N THR A 22 8.31 7.11 1.71
CA THR A 22 8.60 6.79 3.11
C THR A 22 9.75 7.64 3.64
N ARG A 1 12.23 10.41 -6.20
CA ARG A 1 12.37 10.44 -4.75
C ARG A 1 11.11 10.97 -4.08
N GLY A 2 11.10 11.00 -2.76
CA GLY A 2 9.94 11.48 -2.03
C GLY A 2 9.07 10.35 -1.50
N CYS A 3 7.96 10.71 -0.87
CA CYS A 3 7.05 9.71 -0.32
C CYS A 3 5.83 9.54 -1.23
N TYR A 4 5.40 8.29 -1.39
CA TYR A 4 4.25 7.99 -2.23
C TYR A 4 3.34 6.96 -1.57
N THR A 5 2.08 6.94 -1.98
CA THR A 5 1.11 6.01 -1.43
C THR A 5 0.90 4.81 -2.34
N ARG A 6 0.96 3.62 -1.77
CA ARG A 6 0.77 2.39 -2.54
C ARG A 6 -0.15 1.42 -1.81
N CYS A 7 -0.95 0.68 -2.57
CA CYS A 7 -1.89 -0.28 -2.01
C CYS A 7 -1.62 -1.68 -2.53
N TRP A 8 -2.38 -2.65 -2.04
CA TRP A 8 -2.22 -4.04 -2.47
C TRP A 8 -3.40 -4.89 -2.00
N LYS A 9 -3.77 -5.86 -2.82
CA LYS A 9 -4.88 -6.75 -2.49
C LYS A 9 -4.40 -7.97 -1.69
N VAL A 10 -4.40 -7.84 -0.38
CA VAL A 10 -3.96 -8.92 0.50
C VAL A 10 -5.12 -9.84 0.85
N GLY A 11 -4.81 -11.10 1.13
CA GLY A 11 -5.83 -12.07 1.48
C GLY A 11 -6.97 -12.09 0.48
N ARG A 12 -8.12 -12.61 0.91
CA ARG A 12 -9.29 -12.69 0.04
C ARG A 12 -10.53 -12.19 0.75
N ASN A 13 -10.45 -10.99 1.32
CA ASN A 13 -11.56 -10.40 2.04
C ASN A 13 -11.35 -8.90 2.24
N GLY A 14 -11.03 -8.21 1.15
CA GLY A 14 -10.81 -6.77 1.23
C GLY A 14 -9.41 -6.39 0.79
N ARG A 15 -9.08 -5.10 0.94
CA ARG A 15 -7.76 -4.60 0.55
C ARG A 15 -7.20 -3.68 1.62
N VAL A 16 -5.96 -3.25 1.43
CA VAL A 16 -5.30 -2.36 2.38
C VAL A 16 -4.26 -1.49 1.68
N CYS A 17 -4.15 -0.24 2.11
CA CYS A 17 -3.19 0.69 1.54
C CYS A 17 -2.25 1.23 2.61
N MET A 18 -1.00 1.50 2.21
CA MET A 18 0.00 2.02 3.14
C MET A 18 0.81 3.14 2.49
N ARG A 19 1.25 4.09 3.31
CA ARG A 19 2.03 5.22 2.81
C ARG A 19 3.53 4.95 2.99
N VAL A 20 4.13 4.31 1.99
CA VAL A 20 5.56 4.00 2.03
C VAL A 20 6.38 5.17 1.52
N CYS A 21 7.50 5.44 2.19
CA CYS A 21 8.39 6.53 1.81
C CYS A 21 9.83 6.04 1.68
N THR A 22 10.56 6.65 0.75
CA THR A 22 11.95 6.28 0.51
C THR A 22 12.84 7.51 0.40
N ARG A 1 12.31 14.58 -2.45
CA ARG A 1 11.86 13.19 -2.45
C ARG A 1 10.99 12.91 -1.23
N GLY A 2 10.51 11.67 -1.13
CA GLY A 2 9.66 11.30 -0.01
C GLY A 2 8.93 10.00 -0.25
N CYS A 3 8.09 9.60 0.70
CA CYS A 3 7.32 8.37 0.59
C CYS A 3 6.10 8.56 -0.31
N TYR A 4 5.60 7.46 -0.85
CA TYR A 4 4.44 7.51 -1.73
C TYR A 4 3.40 6.47 -1.32
N THR A 5 2.16 6.67 -1.74
CA THR A 5 1.07 5.76 -1.42
C THR A 5 1.11 4.52 -2.31
N ARG A 6 0.81 3.37 -1.73
CA ARG A 6 0.82 2.11 -2.47
C ARG A 6 -0.38 1.24 -2.08
N CYS A 7 -0.68 0.26 -2.91
CA CYS A 7 -1.79 -0.65 -2.65
C CYS A 7 -1.64 -1.95 -3.44
N TRP A 8 -2.44 -2.94 -3.08
CA TRP A 8 -2.39 -4.24 -3.75
C TRP A 8 -3.57 -5.11 -3.34
N LYS A 9 -3.75 -6.22 -4.05
CA LYS A 9 -4.85 -7.14 -3.77
C LYS A 9 -4.45 -8.14 -2.68
N VAL A 10 -5.30 -8.27 -1.67
CA VAL A 10 -5.05 -9.20 -0.58
C VAL A 10 -6.04 -10.35 -0.58
N GLY A 11 -5.72 -11.41 0.16
CA GLY A 11 -6.59 -12.57 0.23
C GLY A 11 -7.95 -12.23 0.82
N ARG A 12 -8.56 -13.21 1.47
CA ARG A 12 -9.87 -13.02 2.09
C ARG A 12 -9.77 -12.09 3.30
N ASN A 13 -9.66 -10.79 3.04
CA ASN A 13 -9.56 -9.80 4.10
C ASN A 13 -9.57 -8.38 3.54
N GLY A 14 -10.28 -8.20 2.43
CA GLY A 14 -10.35 -6.90 1.81
C GLY A 14 -9.02 -6.45 1.25
N ARG A 15 -8.97 -5.20 0.75
CA ARG A 15 -7.74 -4.66 0.18
C ARG A 15 -6.93 -3.94 1.25
N VAL A 16 -5.71 -3.54 0.90
CA VAL A 16 -4.83 -2.84 1.82
C VAL A 16 -3.89 -1.90 1.08
N CYS A 17 -3.86 -0.63 1.52
CA CYS A 17 -3.00 0.37 0.90
C CYS A 17 -1.98 0.91 1.90
N MET A 18 -0.71 0.74 1.60
CA MET A 18 0.35 1.23 2.48
C MET A 18 1.29 2.18 1.73
N ARG A 19 1.81 3.17 2.44
CA ARG A 19 2.72 4.14 1.83
C ARG A 19 4.15 3.60 1.81
N VAL A 20 4.61 3.22 0.62
CA VAL A 20 5.96 2.70 0.47
C VAL A 20 6.98 3.82 0.37
N CYS A 21 8.12 3.64 1.03
CA CYS A 21 9.18 4.64 1.02
C CYS A 21 10.47 4.05 0.44
N THR A 22 11.13 4.81 -0.43
CA THR A 22 12.37 4.37 -1.04
C THR A 22 13.53 4.48 -0.06
N ARG A 1 12.43 14.55 -1.02
CA ARG A 1 11.78 13.62 -0.11
C ARG A 1 11.95 12.18 -0.59
N GLY A 2 11.48 11.24 0.22
CA GLY A 2 11.60 9.83 -0.14
C GLY A 2 10.33 9.06 0.14
N CYS A 3 10.36 7.75 -0.11
CA CYS A 3 9.20 6.89 0.11
C CYS A 3 8.00 7.40 -0.67
N TYR A 4 6.89 6.66 -0.59
CA TYR A 4 5.67 7.03 -1.30
C TYR A 4 4.52 6.12 -0.90
N THR A 5 3.30 6.60 -1.10
CA THR A 5 2.10 5.83 -0.76
C THR A 5 1.76 4.82 -1.86
N ARG A 6 1.68 3.55 -1.49
CA ARG A 6 1.36 2.49 -2.45
C ARG A 6 0.50 1.42 -1.80
N CYS A 7 -0.33 0.77 -2.62
CA CYS A 7 -1.20 -0.29 -2.12
C CYS A 7 -0.97 -1.58 -2.89
N TRP A 8 -1.66 -2.64 -2.47
CA TRP A 8 -1.53 -3.95 -3.12
C TRP A 8 -2.72 -4.83 -2.79
N LYS A 9 -2.93 -5.88 -3.59
CA LYS A 9 -4.03 -6.81 -3.39
C LYS A 9 -3.71 -7.77 -2.25
N VAL A 10 -4.58 -7.78 -1.24
CA VAL A 10 -4.40 -8.67 -0.09
C VAL A 10 -5.37 -9.84 -0.13
N GLY A 11 -5.08 -10.88 0.65
CA GLY A 11 -5.95 -12.03 0.69
C GLY A 11 -7.34 -11.70 1.19
N ARG A 12 -8.00 -12.70 1.77
CA ARG A 12 -9.35 -12.50 2.30
C ARG A 12 -9.34 -11.60 3.53
N ASN A 13 -9.23 -10.29 3.30
CA ASN A 13 -9.21 -9.33 4.39
C ASN A 13 -9.20 -7.90 3.85
N GLY A 14 -9.85 -7.70 2.70
CA GLY A 14 -9.91 -6.38 2.10
C GLY A 14 -8.57 -5.95 1.53
N ARG A 15 -8.51 -4.71 1.06
CA ARG A 15 -7.29 -4.17 0.48
C ARG A 15 -6.41 -3.54 1.56
N VAL A 16 -5.19 -3.17 1.18
CA VAL A 16 -4.25 -2.55 2.11
C VAL A 16 -3.35 -1.55 1.39
N CYS A 17 -3.06 -0.44 2.07
CA CYS A 17 -2.20 0.60 1.50
C CYS A 17 -1.21 1.10 2.53
N MET A 18 0.08 1.02 2.20
CA MET A 18 1.13 1.48 3.12
C MET A 18 2.20 2.24 2.35
N ARG A 19 2.80 3.22 3.00
CA ARG A 19 3.85 4.02 2.38
C ARG A 19 5.13 3.21 2.22
N VAL A 20 5.23 2.49 1.10
CA VAL A 20 6.39 1.67 0.81
C VAL A 20 7.50 2.49 0.17
N CYS A 21 8.72 2.30 0.64
CA CYS A 21 9.88 3.02 0.11
C CYS A 21 10.63 2.18 -0.92
N THR A 22 11.36 2.85 -1.80
CA THR A 22 12.12 2.16 -2.83
C THR A 22 13.30 1.38 -2.22
N ARG A 1 12.31 13.81 -4.11
CA ARG A 1 12.02 12.45 -3.66
C ARG A 1 11.13 12.47 -2.43
N GLY A 2 10.84 11.28 -1.90
CA GLY A 2 9.99 11.18 -0.72
C GLY A 2 9.11 9.94 -0.76
N CYS A 3 8.26 9.80 0.26
CA CYS A 3 7.37 8.65 0.34
C CYS A 3 6.06 8.93 -0.40
N TYR A 4 5.40 7.87 -0.84
CA TYR A 4 4.14 8.00 -1.57
C TYR A 4 3.11 7.00 -1.06
N THR A 5 1.84 7.30 -1.30
CA THR A 5 0.74 6.44 -0.87
C THR A 5 0.50 5.32 -1.87
N ARG A 6 0.42 4.09 -1.38
CA ARG A 6 0.18 2.93 -2.25
C ARG A 6 -0.76 1.94 -1.57
N CYS A 7 -1.54 1.24 -2.37
CA CYS A 7 -2.49 0.25 -1.86
C CYS A 7 -2.34 -1.08 -2.59
N TRP A 8 -2.90 -2.13 -2.00
CA TRP A 8 -2.82 -3.46 -2.61
C TRP A 8 -3.75 -4.44 -1.88
N LYS A 9 -4.37 -5.33 -2.63
CA LYS A 9 -5.28 -6.32 -2.06
C LYS A 9 -4.52 -7.33 -1.21
N VAL A 10 -4.55 -7.15 0.10
CA VAL A 10 -3.87 -8.04 1.02
C VAL A 10 -4.80 -9.16 1.50
N GLY A 11 -4.20 -10.30 1.84
CA GLY A 11 -5.00 -11.43 2.30
C GLY A 11 -6.16 -11.75 1.38
N ARG A 12 -7.18 -12.40 1.92
CA ARG A 12 -8.36 -12.76 1.14
C ARG A 12 -9.63 -12.27 1.82
N ASN A 13 -9.66 -10.99 2.16
CA ASN A 13 -10.81 -10.40 2.81
C ASN A 13 -10.76 -8.88 2.74
N GLY A 14 -10.55 -8.36 1.54
CA GLY A 14 -10.48 -6.92 1.36
C GLY A 14 -9.11 -6.45 0.93
N ARG A 15 -8.92 -5.13 0.86
CA ARG A 15 -7.64 -4.57 0.46
C ARG A 15 -7.14 -3.58 1.51
N VAL A 16 -5.82 -3.38 1.53
CA VAL A 16 -5.21 -2.45 2.48
C VAL A 16 -4.41 -1.37 1.77
N CYS A 17 -4.19 -0.25 2.44
CA CYS A 17 -3.44 0.86 1.88
C CYS A 17 -2.42 1.39 2.88
N MET A 18 -1.18 1.55 2.42
CA MET A 18 -0.12 2.06 3.27
C MET A 18 0.85 2.94 2.47
N ARG A 19 1.42 3.94 3.14
CA ARG A 19 2.36 4.84 2.48
C ARG A 19 3.77 4.28 2.52
N VAL A 20 4.12 3.51 1.50
CA VAL A 20 5.44 2.91 1.41
C VAL A 20 6.46 3.90 0.85
N CYS A 21 7.67 3.87 1.41
CA CYS A 21 8.74 4.76 0.98
C CYS A 21 9.74 4.03 0.10
N THR A 22 10.06 4.62 -1.04
CA THR A 22 11.01 4.01 -1.97
C THR A 22 10.53 2.64 -2.43
N ARG A 1 8.95 0.29 5.48
CA ARG A 1 8.69 1.58 4.87
C ARG A 1 8.22 1.42 3.42
N GLY A 2 7.74 2.49 2.83
CA GLY A 2 7.27 2.45 1.45
C GLY A 2 7.57 3.73 0.70
N CYS A 3 7.13 3.78 -0.56
CA CYS A 3 7.35 4.95 -1.40
C CYS A 3 6.31 5.04 -2.50
N TYR A 4 6.06 6.26 -2.97
CA TYR A 4 5.08 6.48 -4.03
C TYR A 4 3.68 6.09 -3.56
N THR A 5 2.66 6.65 -4.22
CA THR A 5 1.27 6.36 -3.88
C THR A 5 0.73 5.20 -4.71
N ARG A 6 0.61 4.04 -4.09
CA ARG A 6 0.09 2.86 -4.78
C ARG A 6 -0.65 1.95 -3.81
N CYS A 7 -1.70 1.30 -4.29
CA CYS A 7 -2.50 0.39 -3.48
C CYS A 7 -2.86 -0.87 -4.25
N TRP A 8 -2.84 -1.99 -3.56
CA TRP A 8 -3.16 -3.29 -4.18
C TRP A 8 -3.80 -4.23 -3.17
N LYS A 9 -4.48 -5.25 -3.68
CA LYS A 9 -5.14 -6.23 -2.83
C LYS A 9 -4.17 -7.34 -2.43
N VAL A 10 -3.40 -7.11 -1.38
CA VAL A 10 -2.44 -8.10 -0.90
C VAL A 10 -3.00 -8.87 0.29
N GLY A 11 -2.55 -10.11 0.44
CA GLY A 11 -3.02 -10.94 1.54
C GLY A 11 -4.52 -10.91 1.70
N ARG A 12 -5.00 -11.16 2.91
CA ARG A 12 -6.42 -11.16 3.19
C ARG A 12 -6.77 -10.15 4.28
N ASN A 13 -8.02 -10.21 4.75
CA ASN A 13 -8.47 -9.30 5.79
C ASN A 13 -8.41 -7.85 5.31
N GLY A 14 -8.46 -7.65 4.00
CA GLY A 14 -8.41 -6.33 3.44
C GLY A 14 -7.26 -6.15 2.47
N ARG A 15 -7.04 -4.92 2.01
CA ARG A 15 -5.97 -4.62 1.07
C ARG A 15 -4.97 -3.64 1.67
N VAL A 16 -3.96 -3.28 0.90
CA VAL A 16 -2.93 -2.35 1.36
C VAL A 16 -2.94 -1.07 0.53
N CYS A 17 -2.41 0.00 1.10
CA CYS A 17 -2.35 1.28 0.41
C CYS A 17 -1.12 2.08 0.86
N MET A 18 -0.06 2.02 0.07
CA MET A 18 1.17 2.74 0.38
C MET A 18 1.02 4.23 0.08
N ARG A 19 1.71 5.06 0.85
CA ARG A 19 1.66 6.50 0.67
C ARG A 19 2.89 7.00 -0.10
N VAL A 20 2.78 8.19 -0.67
CA VAL A 20 3.87 8.79 -1.43
C VAL A 20 5.18 8.73 -0.65
N CYS A 21 6.29 8.83 -1.34
CA CYS A 21 7.61 8.79 -0.71
C CYS A 21 7.67 9.76 0.47
N THR A 22 7.64 9.20 1.67
CA THR A 22 7.70 10.02 2.88
C THR A 22 9.13 10.44 3.20
#